data_6C6W
#
_entry.id   6C6W
#
_cell.length_a   58.475
_cell.length_b   58.475
_cell.length_c   151.710
_cell.angle_alpha   90.00
_cell.angle_beta   90.00
_cell.angle_gamma   90.00
#
_symmetry.space_group_name_H-M   'P 41 21 2'
#
loop_
_entity.id
_entity.type
_entity.pdbx_description
1 polymer 'Thaumatin I'
2 non-polymer 'L(+)-TARTARIC ACID'
3 non-polymer 2-[4-(dimethylamino)phenyl]-3,6-dimethyl-1,3-benzothiazol-3-ium
4 water water
#
_entity_poly.entity_id   1
_entity_poly.type   'polypeptide(L)'
_entity_poly.pdbx_seq_one_letter_code
;ATFEIVNRCSYTVWAAASKGDAALDAGGRQLNSGESWTINVEPGTKGGKIWARTDCYFDDSGSGICKTGDCGGLLRCKRF
GRPPTTLAEFSLNQYGKDYIDISNIKGFNVPMDFSPTTRGCRGVRCAADIVGQCPAKLKAPGGGCNDACTVFQTSEYCCT
TGKCGPTEYSRFFKRLCPDAFSYVLDKPTTVTCPGSSNYRVTFCPTA
;
_entity_poly.pdbx_strand_id   A
#
# COMPACT_ATOMS: atom_id res chain seq x y z
N ALA A 1 -11.85 10.40 -9.74
CA ALA A 1 -10.50 10.31 -10.37
C ALA A 1 -10.26 8.91 -10.93
N THR A 2 -9.33 8.83 -11.87
CA THR A 2 -8.95 7.58 -12.49
C THR A 2 -7.60 7.12 -11.95
N PHE A 3 -7.54 5.87 -11.57
CA PHE A 3 -6.30 5.22 -11.16
C PHE A 3 -6.02 4.06 -12.11
N GLU A 4 -4.88 4.08 -12.78
CA GLU A 4 -4.43 2.88 -13.52
C GLU A 4 -3.51 2.08 -12.63
N ILE A 5 -3.81 0.80 -12.43
CA ILE A 5 -3.00 -0.07 -11.59
C ILE A 5 -2.31 -1.11 -12.51
N VAL A 6 -0.99 -1.05 -12.56
CA VAL A 6 -0.17 -1.84 -13.45
C VAL A 6 0.71 -2.81 -12.65
N ASN A 7 0.64 -4.09 -12.97
CA ASN A 7 1.55 -5.08 -12.41
C ASN A 7 2.75 -5.30 -13.33
N ARG A 8 3.87 -4.69 -12.98
CA ARG A 8 5.09 -4.93 -13.70
C ARG A 8 5.92 -6.06 -13.07
N CYS A 9 5.39 -6.70 -12.03
CA CYS A 9 6.12 -7.82 -11.44
C CYS A 9 6.12 -9.02 -12.39
N SER A 10 7.09 -9.91 -12.20
CA SER A 10 7.12 -11.14 -12.98
C SER A 10 6.13 -12.17 -12.46
N TYR A 11 5.52 -11.92 -11.31
CA TYR A 11 4.53 -12.82 -10.75
C TYR A 11 3.18 -12.13 -10.66
N THR A 12 2.15 -12.94 -10.56
CA THR A 12 0.79 -12.44 -10.42
C THR A 12 0.58 -11.84 -9.06
N VAL A 13 -0.09 -10.71 -9.03
CA VAL A 13 -0.59 -10.15 -7.80
C VAL A 13 -2.09 -10.01 -7.92
N TRP A 14 -2.73 -9.89 -6.77
CA TRP A 14 -4.14 -9.61 -6.74
C TRP A 14 -4.27 -8.24 -6.13
N ALA A 15 -4.57 -7.23 -6.95
CA ALA A 15 -4.70 -5.87 -6.48
C ALA A 15 -5.95 -5.68 -5.65
N ALA A 16 -5.92 -4.66 -4.79
CA ALA A 16 -7.02 -4.36 -3.90
C ALA A 16 -7.13 -2.86 -3.74
N ALA A 17 -8.36 -2.39 -3.60
CA ALA A 17 -8.64 -0.98 -3.39
C ALA A 17 -9.88 -0.84 -2.50
N SER A 18 -9.74 -0.10 -1.42
CA SER A 18 -10.74 -0.04 -0.37
C SER A 18 -10.57 1.27 0.36
N LYS A 19 -11.62 1.71 1.04
CA LYS A 19 -11.46 2.82 1.96
C LYS A 19 -11.83 2.35 3.35
N GLY A 20 -11.68 1.06 3.64
CA GLY A 20 -11.81 0.61 5.02
C GLY A 20 -13.17 0.03 5.36
N ASP A 21 -14.22 0.70 4.93
CA ASP A 21 -15.59 0.25 5.17
C ASP A 21 -16.31 0.04 3.87
N ALA A 22 -15.59 0.02 2.76
CA ALA A 22 -16.21 -0.18 1.47
C ALA A 22 -15.12 -0.37 0.40
N ALA A 23 -15.46 -1.17 -0.61
CA ALA A 23 -14.63 -1.32 -1.81
C ALA A 23 -14.53 0.00 -2.55
N LEU A 24 -13.45 0.19 -3.25
CA LEU A 24 -13.28 1.28 -4.16
C LEU A 24 -13.44 0.56 -5.51
N ASP A 25 -14.40 0.97 -6.33
CA ASP A 25 -14.70 0.34 -7.64
C ASP A 25 -15.02 -1.15 -7.35
N ALA A 26 -14.48 -2.09 -8.09
CA ALA A 26 -14.74 -3.48 -7.81
C ALA A 26 -14.09 -4.01 -6.54
N GLY A 27 -13.10 -3.33 -6.00
CA GLY A 27 -12.43 -3.74 -4.78
C GLY A 27 -11.19 -4.61 -4.93
N GLY A 28 -11.09 -5.39 -6.00
CA GLY A 28 -9.96 -6.27 -6.19
C GLY A 28 -10.01 -7.03 -7.50
N ARG A 29 -8.84 -7.43 -7.98
CA ARG A 29 -8.75 -8.13 -9.24
C ARG A 29 -7.41 -8.82 -9.34
N GLN A 30 -7.39 -9.94 -10.03
CA GLN A 30 -6.15 -10.59 -10.43
C GLN A 30 -5.44 -9.76 -11.53
N LEU A 31 -4.14 -9.55 -11.35
CA LEU A 31 -3.33 -8.94 -12.37
C LEU A 31 -2.16 -9.86 -12.63
N ASN A 32 -2.17 -10.51 -13.80
CA ASN A 32 -0.98 -11.23 -14.24
C ASN A 32 0.12 -10.26 -14.59
N SER A 33 1.35 -10.75 -14.74
CA SER A 33 2.48 -9.93 -15.14
C SER A 33 2.18 -9.10 -16.38
N GLY A 34 2.20 -7.77 -16.22
CA GLY A 34 1.96 -6.85 -17.31
C GLY A 34 0.56 -6.30 -17.45
N GLU A 35 -0.43 -6.90 -16.78
CA GLU A 35 -1.79 -6.44 -16.91
C GLU A 35 -2.01 -5.10 -16.17
N SER A 36 -2.95 -4.32 -16.69
CA SER A 36 -3.33 -3.02 -16.12
C SER A 36 -4.82 -3.07 -15.81
N TRP A 37 -5.22 -2.37 -14.77
CA TRP A 37 -6.60 -2.32 -14.34
C TRP A 37 -6.95 -0.88 -14.07
N THR A 38 -7.98 -0.36 -14.71
CA THR A 38 -8.29 1.02 -14.55
C THR A 38 -9.50 1.12 -13.65
N ILE A 39 -9.39 1.84 -12.55
CA ILE A 39 -10.55 2.02 -11.71
C ILE A 39 -10.93 3.50 -11.57
N ASN A 40 -12.20 3.72 -11.21
CA ASN A 40 -12.69 5.04 -10.89
C ASN A 40 -12.97 5.19 -9.44
N VAL A 41 -12.43 6.26 -8.84
CA VAL A 41 -12.62 6.55 -7.43
C VAL A 41 -13.41 7.84 -7.35
N GLU A 42 -14.48 7.83 -6.55
CA GLU A 42 -15.35 8.99 -6.47
C GLU A 42 -14.57 10.20 -5.90
N PRO A 43 -14.82 11.40 -6.45
CA PRO A 43 -14.17 12.55 -5.82
C PRO A 43 -14.62 12.71 -4.37
N GLY A 44 -13.74 13.27 -3.55
CA GLY A 44 -14.01 13.42 -2.16
C GLY A 44 -13.62 12.22 -1.34
N THR A 45 -13.16 11.13 -1.96
CA THR A 45 -12.80 9.94 -1.18
C THR A 45 -11.68 10.26 -0.19
N LYS A 46 -11.92 9.96 1.08
CA LYS A 46 -10.92 10.18 2.12
C LYS A 46 -10.46 8.83 2.66
N GLY A 47 -9.17 8.68 2.87
CA GLY A 47 -8.66 7.41 3.41
C GLY A 47 -8.72 6.20 2.46
N GLY A 48 -8.57 6.41 1.17
CA GLY A 48 -8.45 5.32 0.21
C GLY A 48 -7.07 4.67 0.28
N LYS A 49 -7.01 3.36 0.05
CA LYS A 49 -5.76 2.66 -0.07
C LYS A 49 -5.81 1.65 -1.21
N ILE A 50 -4.65 1.51 -1.86
CA ILE A 50 -4.44 0.50 -2.87
C ILE A 50 -3.22 -0.30 -2.45
N TRP A 51 -3.33 -1.63 -2.58
CA TRP A 51 -2.21 -2.53 -2.26
C TRP A 51 -2.29 -3.79 -3.15
N ALA A 52 -1.19 -4.54 -3.14
CA ALA A 52 -1.11 -5.83 -3.76
C ALA A 52 -1.21 -6.95 -2.73
N ARG A 53 -1.74 -8.07 -3.17
CA ARG A 53 -1.76 -9.28 -2.38
C ARG A 53 -1.04 -10.36 -3.18
N THR A 54 -0.34 -11.25 -2.48
CA THR A 54 0.48 -12.29 -3.10
C THR A 54 0.00 -13.68 -2.66
N ASP A 55 0.17 -14.64 -3.58
CA ASP A 55 -0.09 -16.05 -3.30
C ASP A 55 -1.51 -16.29 -2.79
N CYS A 56 -2.46 -15.89 -3.62
CA CYS A 56 -3.86 -16.03 -3.31
C CYS A 56 -4.45 -17.25 -3.99
N TYR A 57 -5.54 -17.75 -3.43
CA TYR A 57 -6.33 -18.87 -3.97
C TYR A 57 -7.78 -18.48 -3.72
N PHE A 58 -8.52 -18.33 -4.79
CA PHE A 58 -9.94 -18.01 -4.71
C PHE A 58 -10.77 -19.05 -5.45
N ASP A 59 -11.92 -19.40 -4.89
CA ASP A 59 -12.83 -20.29 -5.59
C ASP A 59 -13.69 -19.47 -6.55
N ASP A 60 -14.66 -20.11 -7.18
CA ASP A 60 -15.51 -19.46 -8.17
C ASP A 60 -16.43 -18.39 -7.60
N SER A 61 -16.74 -18.45 -6.30
CA SER A 61 -17.49 -17.36 -5.66
C SER A 61 -16.62 -16.16 -5.10
N GLY A 62 -15.34 -16.07 -5.44
CA GLY A 62 -14.52 -14.93 -5.01
C GLY A 62 -14.09 -15.00 -3.56
N SER A 63 -14.05 -16.22 -3.04
CA SER A 63 -13.72 -16.46 -1.65
C SER A 63 -12.49 -17.35 -1.51
N GLY A 64 -11.58 -17.04 -0.57
CA GLY A 64 -10.34 -17.78 -0.48
C GLY A 64 -9.34 -17.24 0.52
N ILE A 65 -8.04 -17.24 0.18
CA ILE A 65 -6.99 -16.70 1.07
C ILE A 65 -5.73 -16.22 0.32
N CYS A 66 -5.02 -15.23 0.87
CA CYS A 66 -3.77 -14.72 0.31
C CYS A 66 -2.75 -14.73 1.41
N LYS A 67 -1.48 -14.89 1.06
CA LYS A 67 -0.43 -14.99 2.08
C LYS A 67 -0.04 -13.61 2.53
N THR A 68 -0.19 -12.58 1.71
CA THR A 68 -0.02 -11.19 2.16
C THR A 68 -1.23 -10.38 1.74
N GLY A 69 -1.65 -9.48 2.60
CA GLY A 69 -2.67 -8.51 2.27
C GLY A 69 -4.10 -8.99 2.23
N ASP A 70 -4.39 -10.16 2.76
CA ASP A 70 -5.75 -10.73 2.71
C ASP A 70 -6.77 -9.82 3.38
N CYS A 71 -7.92 -9.62 2.74
CA CYS A 71 -8.97 -8.74 3.30
C CYS A 71 -10.16 -9.63 3.66
N GLY A 72 -10.01 -10.37 4.74
CA GLY A 72 -11.02 -11.31 5.19
C GLY A 72 -11.49 -12.31 4.16
N GLY A 73 -10.59 -12.82 3.33
CA GLY A 73 -10.91 -13.97 2.52
C GLY A 73 -11.56 -13.66 1.18
N LEU A 74 -11.68 -12.39 0.82
CA LEU A 74 -12.45 -11.99 -0.35
C LEU A 74 -11.55 -11.51 -1.51
N LEU A 75 -11.97 -11.79 -2.73
CA LEU A 75 -11.32 -11.27 -3.91
C LEU A 75 -11.60 -9.76 -4.02
N ARG A 76 -12.86 -9.38 -3.87
CA ARG A 76 -13.24 -7.98 -3.87
C ARG A 76 -13.22 -7.41 -2.48
N CYS A 77 -12.15 -6.69 -2.17
CA CYS A 77 -11.94 -6.20 -0.81
C CYS A 77 -12.93 -5.10 -0.44
N LYS A 78 -13.49 -5.20 0.77
CA LYS A 78 -14.31 -4.17 1.39
C LYS A 78 -13.53 -3.55 2.51
N ARG A 79 -12.58 -4.27 3.05
CA ARG A 79 -11.84 -3.79 4.21
C ARG A 79 -10.37 -3.80 3.85
N PHE A 80 -9.55 -3.30 4.76
CA PHE A 80 -8.13 -3.26 4.50
C PHE A 80 -7.55 -4.64 4.73
N GLY A 81 -6.32 -4.82 4.26
CA GLY A 81 -5.71 -6.14 4.26
C GLY A 81 -4.78 -6.38 5.41
N ARG A 82 -4.53 -7.64 5.65
CA ARG A 82 -3.64 -8.05 6.72
C ARG A 82 -2.18 -7.75 6.33
N PRO A 83 -1.42 -7.14 7.24
CA PRO A 83 0.00 -6.90 6.98
C PRO A 83 0.71 -8.23 6.71
N PRO A 84 1.81 -8.21 5.99
CA PRO A 84 2.47 -7.01 5.52
C PRO A 84 1.99 -6.54 4.14
N THR A 85 1.84 -5.22 4.01
CA THR A 85 1.31 -4.62 2.82
C THR A 85 1.92 -3.28 2.60
N THR A 86 2.72 -3.14 1.54
CA THR A 86 3.08 -1.80 1.06
C THR A 86 1.80 -1.06 0.64
N LEU A 87 1.63 0.18 1.09
CA LEU A 87 0.39 0.91 0.90
C LEU A 87 0.50 2.18 0.04
N ALA A 88 -0.33 2.28 -1.00
CA ALA A 88 -0.59 3.55 -1.65
C ALA A 88 -1.80 4.19 -0.96
N GLU A 89 -1.63 5.38 -0.41
CA GLU A 89 -2.71 6.01 0.37
C GLU A 89 -3.05 7.34 -0.22
N PHE A 90 -4.33 7.70 -0.12
CA PHE A 90 -4.79 8.93 -0.77
C PHE A 90 -6.07 9.49 -0.17
N SER A 91 -6.16 10.81 -0.18
CA SER A 91 -7.40 11.49 0.09
C SER A 91 -7.63 12.55 -0.97
N LEU A 92 -8.80 12.52 -1.60
CA LEU A 92 -8.99 13.34 -2.78
C LEU A 92 -9.90 14.52 -2.51
N ASN A 93 -9.62 15.66 -3.15
CA ASN A 93 -10.52 16.82 -3.12
C ASN A 93 -10.78 17.32 -1.70
N GLN A 94 -9.71 17.50 -0.94
CA GLN A 94 -9.81 17.99 0.42
C GLN A 94 -9.37 19.42 0.31
N TYR A 95 -10.33 20.34 0.40
CA TYR A 95 -10.02 21.75 0.29
C TYR A 95 -9.23 22.05 -0.97
N GLY A 96 -9.71 21.49 -2.08
CA GLY A 96 -9.13 21.78 -3.38
C GLY A 96 -7.87 21.03 -3.74
N LYS A 97 -7.40 20.10 -2.89
CA LYS A 97 -6.18 19.36 -3.16
C LYS A 97 -6.33 17.86 -2.96
N ASP A 98 -5.47 17.11 -3.65
CA ASP A 98 -5.28 15.68 -3.44
C ASP A 98 -4.01 15.49 -2.58
N TYR A 99 -4.06 14.55 -1.65
CA TYR A 99 -2.92 14.16 -0.84
C TYR A 99 -2.60 12.70 -1.09
N ILE A 100 -1.38 12.40 -1.52
CA ILE A 100 -0.93 11.01 -1.70
C ILE A 100 0.35 10.68 -0.93
N ASP A 101 0.50 9.42 -0.54
CA ASP A 101 1.75 8.94 0.05
C ASP A 101 1.87 7.44 -0.18
N ILE A 102 3.09 6.96 0.01
CA ILE A 102 3.35 5.58 0.27
C ILE A 102 3.72 5.39 1.75
N SER A 103 3.22 4.30 2.32
CA SER A 103 3.45 3.96 3.70
C SER A 103 3.98 2.54 3.86
N ASN A 104 5.00 2.39 4.70
CA ASN A 104 5.46 1.09 5.22
C ASN A 104 5.04 0.82 6.68
N ILE A 105 4.06 1.59 7.16
CA ILE A 105 3.61 1.46 8.55
C ILE A 105 2.99 0.11 8.81
N LYS A 106 2.48 -0.54 7.77
CA LYS A 106 1.90 -1.88 7.91
C LYS A 106 2.79 -2.87 7.19
N GLY A 107 4.09 -2.57 7.14
CA GLY A 107 5.07 -3.45 6.49
C GLY A 107 5.16 -3.30 4.99
N PHE A 108 5.83 -4.24 4.35
CA PHE A 108 6.13 -4.16 2.93
C PHE A 108 5.99 -5.54 2.36
N ASN A 109 5.35 -5.65 1.23
CA ASN A 109 5.29 -6.93 0.53
C ASN A 109 5.79 -6.84 -0.90
N VAL A 110 5.42 -5.76 -1.61
CA VAL A 110 5.75 -5.62 -3.01
C VAL A 110 6.24 -4.18 -3.23
N PRO A 111 7.25 -3.97 -4.10
CA PRO A 111 7.67 -2.62 -4.36
C PRO A 111 6.67 -1.90 -5.24
N MET A 112 6.73 -0.57 -5.19
CA MET A 112 5.65 0.21 -5.69
C MET A 112 6.06 1.64 -6.03
N ASP A 113 5.54 2.13 -7.16
CA ASP A 113 5.61 3.52 -7.54
C ASP A 113 4.17 4.08 -7.58
N PHE A 114 3.98 5.27 -7.00
CA PHE A 114 2.67 5.92 -6.96
C PHE A 114 2.82 7.34 -7.54
N SER A 115 2.40 7.53 -8.78
CA SER A 115 2.63 8.78 -9.56
C SER A 115 1.36 9.35 -10.20
N PRO A 116 1.29 10.67 -10.28
CA PRO A 116 0.22 11.30 -11.05
C PRO A 116 0.47 11.12 -12.53
N THR A 117 -0.61 10.97 -13.28
CA THR A 117 -0.54 10.93 -14.73
C THR A 117 -1.06 12.23 -15.27
N THR A 118 -1.36 13.20 -14.43
CA THR A 118 -1.75 14.56 -14.83
C THR A 118 -0.72 15.51 -14.25
N ARG A 119 -0.81 16.77 -14.64
CA ARG A 119 0.20 17.78 -14.28
C ARG A 119 0.18 18.13 -12.79
N GLY A 120 1.30 18.71 -12.31
CA GLY A 120 1.26 19.53 -11.11
C GLY A 120 1.84 19.03 -9.81
N CYS A 121 2.47 17.86 -9.83
CA CYS A 121 3.13 17.30 -8.65
C CYS A 121 3.98 16.12 -9.09
N ARG A 122 4.76 15.58 -8.17
CA ARG A 122 5.70 14.49 -8.40
C ARG A 122 5.11 13.22 -7.78
N GLY A 123 5.69 12.07 -8.11
CA GLY A 123 5.27 10.80 -7.51
C GLY A 123 6.23 10.38 -6.40
N VAL A 124 5.91 9.29 -5.75
CA VAL A 124 6.77 8.75 -4.72
C VAL A 124 6.90 7.29 -5.03
N ARG A 125 7.92 6.67 -4.45
CA ARG A 125 8.30 5.33 -4.78
C ARG A 125 8.97 4.64 -3.58
N CYS A 126 8.71 3.35 -3.41
CA CYS A 126 9.53 2.52 -2.55
C CYS A 126 9.80 1.21 -3.30
N ALA A 127 11.00 1.11 -3.85
CA ALA A 127 11.36 0.00 -4.71
C ALA A 127 12.60 -0.77 -4.30
N ALA A 128 13.07 -0.60 -3.08
CA ALA A 128 14.24 -1.32 -2.62
C ALA A 128 13.85 -2.72 -2.25
N ASP A 129 14.85 -3.57 -2.09
CA ASP A 129 14.65 -4.95 -1.73
C ASP A 129 14.44 -5.08 -0.21
N ILE A 130 13.31 -4.59 0.26
CA ILE A 130 13.02 -4.65 1.67
C ILE A 130 12.85 -6.09 2.18
N VAL A 131 12.29 -6.95 1.34
CA VAL A 131 12.09 -8.30 1.77
C VAL A 131 13.43 -9.03 1.91
N GLY A 132 14.33 -8.80 0.96
CA GLY A 132 15.68 -9.41 0.99
C GLY A 132 16.50 -9.02 2.22
N GLN A 133 16.33 -7.78 2.66
CA GLN A 133 17.17 -7.24 3.71
C GLN A 133 16.46 -7.27 5.07
N CYS A 134 15.23 -7.79 5.09
CA CYS A 134 14.37 -7.71 6.27
C CYS A 134 15.02 -8.32 7.49
N PRO A 135 15.04 -7.59 8.60
CA PRO A 135 15.49 -8.13 9.89
C PRO A 135 14.74 -9.39 10.23
N ALA A 136 15.44 -10.31 10.87
CA ALA A 136 14.94 -11.68 10.99
C ALA A 136 13.63 -11.74 11.79
N LYS A 137 13.54 -10.90 12.82
CA LYS A 137 12.33 -10.87 13.63
C LYS A 137 11.13 -10.24 12.94
N LEU A 138 11.36 -9.51 11.85
CA LEU A 138 10.23 -8.99 11.11
C LEU A 138 9.79 -9.81 9.88
N LYS A 139 10.57 -10.82 9.50
CA LYS A 139 10.23 -11.63 8.32
C LYS A 139 8.88 -12.31 8.53
N ALA A 140 8.06 -12.29 7.49
CA ALA A 140 6.73 -12.90 7.55
C ALA A 140 6.80 -14.35 7.08
N PRO A 141 5.79 -15.15 7.45
CA PRO A 141 5.70 -16.57 7.09
C PRO A 141 5.36 -16.77 5.62
N GLY A 142 4.74 -15.77 4.99
CA GLY A 142 4.36 -15.86 3.60
C GLY A 142 4.95 -14.80 2.70
N GLY A 143 6.24 -14.50 2.90
CA GLY A 143 6.92 -13.49 2.06
C GLY A 143 6.65 -12.14 2.75
N GLY A 144 7.48 -11.16 2.53
CA GLY A 144 7.17 -9.87 3.11
C GLY A 144 7.87 -9.59 4.42
N CYS A 145 7.84 -8.32 4.78
CA CYS A 145 8.51 -7.82 5.97
C CYS A 145 7.51 -7.02 6.80
N ASN A 146 7.17 -7.52 7.97
CA ASN A 146 6.22 -6.87 8.85
C ASN A 146 6.81 -5.62 9.48
N ASP A 147 5.92 -4.69 9.83
CA ASP A 147 6.29 -3.59 10.71
C ASP A 147 6.37 -4.09 12.15
N ALA A 148 7.07 -3.36 13.00
CA ALA A 148 7.27 -3.76 14.40
C ALA A 148 6.00 -3.76 15.27
N CYS A 149 5.02 -2.92 14.92
CA CYS A 149 3.76 -2.86 15.65
C CYS A 149 3.00 -4.18 15.49
N THR A 150 2.83 -4.62 14.25
CA THR A 150 2.21 -5.88 13.96
C THR A 150 2.92 -7.00 14.69
N VAL A 151 4.24 -7.03 14.69
CA VAL A 151 4.92 -8.13 15.35
C VAL A 151 4.90 -8.04 16.88
N PHE A 152 5.18 -6.88 17.45
CA PHE A 152 5.45 -6.84 18.93
C PHE A 152 4.33 -6.25 19.81
N GLN A 153 3.44 -5.47 19.21
CA GLN A 153 2.22 -4.99 19.86
C GLN A 153 2.58 -4.19 21.13
N THR A 154 3.55 -3.28 21.01
CA THR A 154 3.90 -2.36 22.08
C THR A 154 3.39 -0.95 21.79
N SER A 155 3.22 -0.20 22.87
CA SER A 155 2.88 1.22 22.78
C SER A 155 3.85 2.00 21.96
N GLU A 156 5.14 1.71 22.06
CA GLU A 156 6.15 2.50 21.36
C GLU A 156 6.11 2.22 19.85
N TYR A 157 6.02 0.95 19.46
CA TYR A 157 5.95 0.60 18.03
C TYR A 157 4.63 1.04 17.42
N CYS A 158 3.54 0.95 18.18
CA CYS A 158 2.21 1.20 17.61
C CYS A 158 1.80 2.65 17.83
N CYS A 159 2.55 3.37 18.68
CA CYS A 159 2.36 4.78 18.87
C CYS A 159 0.97 5.08 19.50
N THR A 160 0.60 4.23 20.44
CA THR A 160 -0.73 4.21 20.99
C THR A 160 -0.96 5.44 21.89
N THR A 161 0.06 5.99 22.55
CA THR A 161 -0.15 7.17 23.38
C THR A 161 -0.06 8.43 22.55
N GLY A 162 0.18 8.31 21.25
CA GLY A 162 0.34 9.48 20.45
C GLY A 162 1.72 10.09 20.61
N LYS A 163 2.51 9.59 21.55
CA LYS A 163 3.89 10.02 21.67
C LYS A 163 4.73 8.81 21.38
N CYS A 164 5.65 8.92 20.44
CA CYS A 164 6.54 7.80 20.15
C CYS A 164 7.67 8.30 19.27
N GLY A 165 8.80 7.61 19.30
CA GLY A 165 9.93 8.01 18.47
C GLY A 165 10.24 6.95 17.43
N PRO A 166 11.17 7.26 16.53
CA PRO A 166 11.70 6.24 15.67
C PRO A 166 12.39 5.13 16.47
N THR A 167 12.48 3.97 15.84
CA THR A 167 13.02 2.78 16.40
C THR A 167 14.03 2.16 15.45
N GLU A 168 14.77 1.19 15.95
CA GLU A 168 15.64 0.41 15.14
C GLU A 168 14.88 -0.17 13.94
N TYR A 169 13.64 -0.62 14.15
CA TYR A 169 12.91 -1.25 13.07
C TYR A 169 12.42 -0.21 12.03
N SER A 170 11.80 0.84 12.54
CA SER A 170 11.43 2.05 11.84
C SER A 170 12.54 2.50 10.90
N ARG A 171 13.76 2.61 11.45
CA ARG A 171 14.87 3.20 10.73
C ARG A 171 15.31 2.30 9.60
N PHE A 172 15.09 1.00 9.74
CA PHE A 172 15.36 0.09 8.64
C PHE A 172 14.53 0.44 7.41
N PHE A 173 13.22 0.60 7.60
CA PHE A 173 12.34 0.92 6.49
C PHE A 173 12.68 2.29 5.90
N LYS A 174 12.96 3.23 6.77
CA LYS A 174 13.26 4.61 6.40
C LYS A 174 14.57 4.70 5.60
N ARG A 175 15.53 3.88 5.96
CA ARG A 175 16.82 3.89 5.30
C ARG A 175 16.69 3.33 3.87
N LEU A 176 15.92 2.26 3.67
CA LEU A 176 15.72 1.72 2.34
C LEU A 176 14.72 2.54 1.53
N CYS A 177 13.68 3.11 2.15
CA CYS A 177 12.68 3.93 1.43
C CYS A 177 12.37 5.23 2.15
N PRO A 178 13.23 6.22 1.95
CA PRO A 178 13.07 7.49 2.68
C PRO A 178 11.76 8.22 2.30
N ASP A 179 11.19 7.91 1.14
CA ASP A 179 9.98 8.60 0.72
C ASP A 179 8.68 7.98 1.18
N ALA A 180 8.77 6.95 2.01
CA ALA A 180 7.59 6.29 2.55
C ALA A 180 7.51 6.52 4.06
N PHE A 181 6.31 6.61 4.60
CA PHE A 181 6.14 6.64 6.06
C PHE A 181 6.71 5.38 6.70
N SER A 182 7.56 5.56 7.71
CA SER A 182 8.19 4.42 8.38
C SER A 182 7.56 4.14 9.75
N TYR A 183 6.88 5.12 10.33
CA TYR A 183 6.18 4.94 11.61
C TYR A 183 5.14 6.04 11.70
N VAL A 184 4.23 5.92 12.67
CA VAL A 184 3.05 6.80 12.73
C VAL A 184 3.44 8.27 12.81
N LEU A 185 4.41 8.64 13.63
CA LEU A 185 4.79 10.06 13.72
C LEU A 185 5.97 10.41 12.84
N ASP A 186 6.23 9.65 11.78
CA ASP A 186 7.33 9.99 10.90
C ASP A 186 7.05 11.39 10.32
N LYS A 187 8.11 12.12 9.97
CA LYS A 187 7.98 13.41 9.34
C LYS A 187 7.31 13.15 7.96
N PRO A 188 6.19 13.82 7.66
CA PRO A 188 5.34 13.43 6.52
C PRO A 188 6.05 13.44 5.21
N THR A 189 5.82 12.42 4.40
CA THR A 189 6.30 12.42 3.00
C THR A 189 5.12 12.53 2.05
N THR A 190 4.06 13.14 2.54
CA THR A 190 2.86 13.31 1.79
C THR A 190 3.11 14.26 0.65
N VAL A 191 2.56 13.97 -0.51
CA VAL A 191 2.66 14.86 -1.65
C VAL A 191 1.32 15.50 -1.96
N THR A 192 1.36 16.79 -2.26
CA THR A 192 0.14 17.54 -2.51
C THR A 192 0.00 17.74 -4.00
N CYS A 193 -1.14 17.33 -4.54
CA CYS A 193 -1.40 17.46 -5.95
C CYS A 193 -2.67 18.27 -6.14
N PRO A 194 -2.93 18.77 -7.36
CA PRO A 194 -4.17 19.45 -7.60
C PRO A 194 -5.37 18.55 -7.42
N GLY A 195 -6.48 19.15 -6.99
CA GLY A 195 -7.72 18.41 -6.77
C GLY A 195 -8.10 17.75 -8.06
N SER A 196 -8.59 16.52 -7.99
CA SER A 196 -9.04 15.77 -9.19
C SER A 196 -7.94 15.33 -10.15
N SER A 197 -6.70 15.18 -9.68
CA SER A 197 -5.65 14.60 -10.50
C SER A 197 -5.98 13.13 -10.80
N ASN A 198 -5.27 12.54 -11.77
CA ASN A 198 -5.32 11.09 -12.01
C ASN A 198 -3.97 10.44 -11.73
N TYR A 199 -3.97 9.14 -11.53
CA TYR A 199 -2.81 8.47 -10.96
C TYR A 199 -2.56 7.11 -11.56
N ARG A 200 -1.31 6.68 -11.47
CA ARG A 200 -0.92 5.33 -11.81
C ARG A 200 -0.21 4.70 -10.64
N VAL A 201 -0.65 3.51 -10.25
CA VAL A 201 0.09 2.73 -9.29
C VAL A 201 0.77 1.57 -10.00
N THR A 202 2.10 1.53 -9.91
CA THR A 202 2.86 0.46 -10.52
C THR A 202 3.55 -0.44 -9.50
N PHE A 203 3.20 -1.73 -9.53
CA PHE A 203 3.90 -2.74 -8.74
C PHE A 203 5.18 -3.20 -9.45
N CYS A 204 6.28 -3.34 -8.71
CA CYS A 204 7.60 -3.69 -9.28
C CYS A 204 8.03 -2.72 -10.40
N PRO A 205 8.08 -1.43 -10.07
CA PRO A 205 8.36 -0.37 -11.03
C PRO A 205 9.69 -0.50 -11.75
N THR A 206 10.67 -1.11 -11.15
CA THR A 206 11.96 -1.21 -11.87
C THR A 206 12.13 -2.60 -12.50
N ALA A 207 12.32 -2.61 -13.81
CA ALA A 207 12.37 -3.86 -14.62
C ALA A 207 12.42 -3.50 -16.11
#